data_7K1W
#
_entry.id   7K1W
#
_cell.length_a   1.00
_cell.length_b   1.00
_cell.length_c   1.00
_cell.angle_alpha   90.00
_cell.angle_beta   90.00
_cell.angle_gamma   90.00
#
_symmetry.space_group_name_H-M   'P 1'
#
_entity_poly.entity_id   1
_entity_poly.type   'polypeptide(L)'
_entity_poly.pdbx_seq_one_letter_code
;MHHHHHHHHGSMPTAAAPIISSVQKLVLYETRARYFLVGSNNAETKYRVLKIDRTEPKDLVIIDDRHVYTQQEVRELLGR
LDLGNRTKMGQKGSSGLFRAVSAFGVVGFVRFLEGYYIVLITKRRKMADIGGHAIYKVEDTNMIYIPNDSVRVTHPDEAR
YLRIFQNVDLSSNFYFSYSYDLSHSLQYNLTVLRMPLEMLKSEMTQNRQESFDIFEDEGLITQGGSGVFGICSEPYMKYV
WNGELLDIIKSTVHRDWLLYIIHGFCGQSKLLIYGRPVYVTLIARRSSKFAGTRFLKRGANCEGDVANEVETEQILCDAS
VMSFTAGSYSSYVQVRGSVPLYWSQDISTMMPKPPITLDQADPFAHVAALHFDQMFQRFGSPIIILNLVKEREKRKHERI
LSEELVAAVTYLNQFLPPEHTIVYIPWDMAKYTKSKLCNVLDRLNVIAESVVKKTGFFVNRPDSYCSILRPDEKWNELGG
CVIPTGRLQTGILRTNCVDCLDRTNTAQFMVGKCALAYQLYSLGLIDKPNLQFDTDAVRLFEELYEDHGDTLSLQYGGSQ
LVHRVKTYRKIAPWTQHSKDIMQTLSRYYSNAFSDADRQDSINLFLGVFHPTEGKPHLWELPTDFYLHHKNTMRLLPTRR
SYTYWWTPEVIKHLPLPYDEVICAVNLKKLIVKKFHKYEEEIDIHNEFFRPYELSSFDDTFCLAMTSSARDFMPKTVGID
PSPFTVRKPDETGKSVLGNKSNREEAVLQRKTAASAPPPPSEEAVSSSSEDDSGTDREEEGSVSQRSTPVKMTDAGDSAK
VTENVVQPMKELYGINLSDGLSEEDFSIYSRFVQLGQSQHKQDKNSQQPCSRCSDGVIKLTPISAFSQDNIYEVQPPRVD
RKSTEIFQAHIQASQGIMQPLGKEDSSMYREYIRNRYL
;
_entity_poly.pdbx_strand_id   F
#
# COMPACT_ATOMS: atom_id res chain seq x y z
N GLN A 24 17.70 11.05 1.97
CA GLN A 24 18.51 11.27 0.76
C GLN A 24 19.48 10.13 0.60
N LYS A 25 20.37 10.23 -0.41
CA LYS A 25 21.31 9.18 -0.68
C LYS A 25 22.30 9.16 0.46
N LEU A 26 22.91 7.99 0.69
CA LEU A 26 23.81 7.80 1.80
C LEU A 26 25.11 7.29 1.25
N VAL A 27 26.21 7.44 2.02
CA VAL A 27 27.49 6.94 1.60
C VAL A 27 28.05 6.15 2.75
N LEU A 28 28.84 5.09 2.45
CA LEU A 28 29.32 4.24 3.49
C LEU A 28 30.78 3.96 3.30
N TYR A 29 31.45 3.60 4.41
CA TYR A 29 32.84 3.24 4.52
C TYR A 29 32.83 1.95 5.29
N GLU A 30 33.58 0.92 4.83
CA GLU A 30 33.63 -0.30 5.58
C GLU A 30 35.07 -0.54 5.91
N THR A 31 35.33 -1.00 7.15
CA THR A 31 36.67 -1.30 7.55
C THR A 31 36.59 -2.40 8.57
N ARG A 32 37.73 -2.70 9.21
CA ARG A 32 37.80 -3.74 10.20
C ARG A 32 36.92 -3.33 11.35
N ALA A 33 36.85 -2.02 11.62
CA ALA A 33 36.07 -1.52 12.72
C ALA A 33 34.64 -1.91 12.51
N ARG A 34 34.11 -1.73 11.27
CA ARG A 34 32.79 -2.14 10.84
C ARG A 34 32.32 -1.17 9.80
N TYR A 35 31.02 -0.80 9.79
CA TYR A 35 30.50 0.04 8.74
C TYR A 35 30.07 1.38 9.28
N PHE A 36 30.36 2.46 8.51
CA PHE A 36 30.03 3.82 8.86
C PHE A 36 29.15 4.36 7.76
N LEU A 37 28.05 5.07 8.11
CA LEU A 37 27.15 5.58 7.12
C LEU A 37 26.92 7.04 7.39
N VAL A 38 26.79 7.86 6.33
CA VAL A 38 26.52 9.26 6.50
C VAL A 38 25.78 9.72 5.28
N GLY A 39 25.03 10.83 5.40
CA GLY A 39 24.28 11.33 4.27
C GLY A 39 25.26 11.80 3.25
N SER A 40 24.91 11.62 1.96
CA SER A 40 25.76 12.01 0.87
C SER A 40 25.91 13.50 0.91
N ASN A 41 24.80 14.23 1.13
CA ASN A 41 24.87 15.66 1.17
C ASN A 41 24.76 16.04 2.61
N ASN A 42 25.75 16.80 3.11
CA ASN A 42 25.73 17.17 4.49
C ASN A 42 25.27 18.59 4.59
N ALA A 43 24.05 18.78 5.13
CA ALA A 43 23.56 20.11 5.33
C ALA A 43 23.74 20.38 6.78
N GLU A 44 24.25 21.58 7.10
CA GLU A 44 24.44 21.98 8.47
C GLU A 44 25.74 21.45 8.97
N THR A 45 26.24 22.08 10.05
CA THR A 45 27.49 21.79 10.67
C THR A 45 27.50 20.46 11.36
N LYS A 46 26.39 20.05 11.99
CA LYS A 46 26.46 18.85 12.79
C LYS A 46 25.78 17.72 12.09
N TYR A 47 26.55 16.84 11.44
CA TYR A 47 25.91 15.79 10.70
C TYR A 47 26.21 14.50 11.40
N ARG A 48 25.19 13.62 11.53
CA ARG A 48 25.36 12.40 12.25
C ARG A 48 25.89 11.31 11.38
N VAL A 49 26.58 10.35 12.02
CA VAL A 49 27.11 9.19 11.35
C VAL A 49 26.61 7.99 12.11
N LEU A 50 26.15 6.96 11.38
CA LEU A 50 25.70 5.73 12.00
C LEU A 50 26.78 4.72 11.84
N LYS A 51 27.12 4.03 12.94
CA LYS A 51 28.19 3.08 12.87
C LYS A 51 27.68 1.77 13.38
N ILE A 52 27.84 0.70 12.58
CA ILE A 52 27.55 -0.62 13.08
C ILE A 52 28.92 -1.02 13.46
N ASP A 53 29.13 -1.62 14.65
CA ASP A 53 30.48 -1.92 15.07
C ASP A 53 30.75 -3.40 15.04
N ARG A 54 31.98 -3.72 14.58
CA ARG A 54 32.56 -5.03 14.41
C ARG A 54 32.82 -5.68 15.73
N THR A 55 33.05 -4.86 16.78
CA THR A 55 33.51 -5.29 18.07
C THR A 55 32.55 -6.29 18.64
N GLU A 56 32.78 -6.69 19.92
CA GLU A 56 32.02 -7.73 20.54
C GLU A 56 30.60 -7.34 20.40
N PRO A 57 30.31 -6.08 20.56
CA PRO A 57 28.98 -5.69 20.25
C PRO A 57 28.88 -5.49 18.78
N LYS A 58 27.80 -5.94 18.14
CA LYS A 58 27.63 -5.57 16.77
C LYS A 58 26.52 -4.59 16.90
N ASP A 59 26.74 -3.60 17.78
CA ASP A 59 25.74 -2.63 18.10
C ASP A 59 25.73 -1.55 17.07
N LEU A 60 24.63 -0.79 17.06
CA LEU A 60 24.49 0.34 16.20
C LEU A 60 24.82 1.52 17.06
N VAL A 61 25.58 2.49 16.53
CA VAL A 61 25.95 3.59 17.35
C VAL A 61 25.79 4.86 16.58
N ILE A 62 25.75 5.99 17.31
CA ILE A 62 25.62 7.30 16.73
C ILE A 62 26.97 7.89 16.92
N ILE A 63 27.53 8.52 15.88
CA ILE A 63 28.84 9.06 16.10
C ILE A 63 28.89 10.44 15.58
N ASP A 64 29.92 11.20 16.00
CA ASP A 64 30.11 12.54 15.53
C ASP A 64 30.60 12.37 14.14
N ASP A 65 30.98 13.48 13.46
CA ASP A 65 31.31 13.27 12.09
C ASP A 65 32.70 12.68 11.97
N ARG A 66 33.07 11.71 12.84
CA ARG A 66 34.35 11.09 12.66
C ARG A 66 34.14 9.86 11.84
N HIS A 67 33.94 10.09 10.54
CA HIS A 67 33.79 9.05 9.57
C HIS A 67 35.19 8.67 9.23
N SER A 95 35.41 7.42 8.77
CA SER A 95 36.77 7.05 8.52
C SER A 95 37.32 7.81 7.36
N GLY A 96 38.57 8.28 7.52
CA GLY A 96 39.25 9.06 6.52
C GLY A 96 39.62 8.26 5.29
N LEU A 97 40.20 7.05 5.47
CA LEU A 97 40.70 6.34 4.33
C LEU A 97 39.88 5.12 4.05
N PHE A 98 39.51 4.94 2.77
CA PHE A 98 38.81 3.80 2.23
C PHE A 98 37.91 4.23 1.12
N ARG A 99 37.37 3.23 0.40
CA ARG A 99 36.49 3.52 -0.70
C ARG A 99 35.17 3.92 -0.13
N ALA A 100 34.59 4.98 -0.71
CA ALA A 100 33.32 5.41 -0.25
C ALA A 100 32.31 4.84 -1.20
N VAL A 101 31.26 4.19 -0.67
CA VAL A 101 30.26 3.61 -1.53
C VAL A 101 29.00 4.39 -1.41
N SER A 102 28.33 4.64 -2.55
CA SER A 102 27.12 5.39 -2.50
C SER A 102 25.98 4.43 -2.64
N ALA A 103 24.92 4.64 -1.83
CA ALA A 103 23.77 3.80 -1.87
C ALA A 103 22.55 4.67 -1.81
N PHE A 104 21.42 4.19 -2.37
CA PHE A 104 20.20 4.92 -2.37
C PHE A 104 19.63 5.03 -0.98
N GLY A 105 19.68 3.94 -0.19
CA GLY A 105 19.10 4.04 1.12
C GLY A 105 19.62 2.94 2.01
N VAL A 106 19.63 3.19 3.34
CA VAL A 106 19.92 2.14 4.27
C VAL A 106 18.57 1.74 4.78
N VAL A 107 18.10 0.53 4.40
CA VAL A 107 16.79 0.11 4.78
C VAL A 107 16.74 -0.20 6.25
N GLY A 108 17.83 -0.74 6.84
CA GLY A 108 17.80 -0.98 8.26
C GLY A 108 18.81 -2.03 8.62
N PHE A 109 18.66 -2.63 9.82
CA PHE A 109 19.58 -3.64 10.28
C PHE A 109 18.78 -4.76 10.84
N VAL A 110 19.37 -5.98 10.86
CA VAL A 110 18.69 -7.12 11.42
C VAL A 110 19.72 -7.91 12.17
N ARG A 111 19.33 -8.52 13.31
CA ARG A 111 20.28 -9.33 14.00
C ARG A 111 19.92 -10.74 13.71
N PHE A 112 20.82 -11.47 13.02
CA PHE A 112 20.51 -12.84 12.75
C PHE A 112 21.40 -13.60 13.66
N LEU A 113 20.81 -14.24 14.69
CA LEU A 113 21.65 -14.93 15.62
C LEU A 113 22.63 -13.92 16.16
N GLU A 114 23.93 -14.28 16.22
CA GLU A 114 24.93 -13.44 16.80
C GLU A 114 25.18 -12.15 16.05
N GLY A 115 25.25 -12.17 14.70
CA GLY A 115 25.68 -10.98 14.01
C GLY A 115 24.56 -10.08 13.59
N TYR A 116 24.91 -8.81 13.30
CA TYR A 116 23.97 -7.84 12.85
C TYR A 116 24.36 -7.49 11.46
N TYR A 117 23.36 -7.41 10.55
CA TYR A 117 23.62 -7.16 9.16
C TYR A 117 22.92 -5.90 8.76
N ILE A 118 23.52 -5.15 7.82
CA ILE A 118 22.90 -3.95 7.35
C ILE A 118 22.24 -4.28 6.05
N VAL A 119 20.96 -3.88 5.90
CA VAL A 119 20.24 -4.12 4.69
C VAL A 119 20.25 -2.85 3.90
N LEU A 120 20.74 -2.90 2.64
CA LEU A 120 20.89 -1.69 1.89
C LEU A 120 20.26 -1.78 0.54
N ILE A 121 19.68 -0.65 0.06
CA ILE A 121 19.23 -0.60 -1.30
C ILE A 121 20.27 0.17 -2.04
N THR A 122 21.11 -0.55 -2.82
CA THR A 122 22.22 0.05 -3.50
C THR A 122 21.79 0.96 -4.61
N LYS A 123 20.87 0.51 -5.50
CA LYS A 123 20.52 1.34 -6.61
C LYS A 123 19.03 1.29 -6.81
N ARG A 124 18.46 2.31 -7.49
CA ARG A 124 17.05 2.35 -7.73
C ARG A 124 16.81 2.92 -9.10
N ARG A 125 15.58 2.74 -9.62
CA ARG A 125 15.21 3.27 -10.90
C ARG A 125 13.97 4.08 -10.67
N LYS A 126 13.76 5.15 -11.46
CA LYS A 126 12.64 6.02 -11.25
C LYS A 126 11.45 5.52 -12.03
N MET A 127 10.46 4.94 -11.32
CA MET A 127 9.22 4.48 -11.88
C MET A 127 8.20 5.57 -12.10
N ALA A 128 8.20 6.65 -11.30
CA ALA A 128 7.17 7.63 -11.52
C ALA A 128 7.55 8.96 -10.96
N ASP A 129 6.82 10.03 -11.40
CA ASP A 129 7.03 11.37 -10.92
C ASP A 129 5.71 12.08 -10.86
N ILE A 130 5.28 12.54 -9.66
CA ILE A 130 4.04 13.26 -9.58
C ILE A 130 4.21 14.46 -8.69
N GLY A 131 3.88 15.67 -9.22
CA GLY A 131 3.89 16.87 -8.44
C GLY A 131 5.27 17.13 -7.92
N GLY A 132 6.32 16.73 -8.66
CA GLY A 132 7.67 17.03 -8.27
C GLY A 132 8.24 15.91 -7.43
N HIS A 133 7.44 14.89 -7.07
CA HIS A 133 7.99 13.85 -6.25
C HIS A 133 8.38 12.71 -7.13
N ALA A 134 9.53 12.08 -6.82
CA ALA A 134 9.98 10.98 -7.64
C ALA A 134 9.77 9.70 -6.88
N ILE A 135 9.26 8.65 -7.55
CA ILE A 135 9.07 7.39 -6.90
C ILE A 135 10.08 6.43 -7.46
N TYR A 136 10.80 5.70 -6.57
CA TYR A 136 11.85 4.81 -7.00
C TYR A 136 11.53 3.40 -6.61
N LYS A 137 12.03 2.44 -7.42
CA LYS A 137 11.92 1.04 -7.14
C LYS A 137 13.33 0.59 -6.83
N VAL A 138 13.50 -0.29 -5.81
CA VAL A 138 14.82 -0.73 -5.44
C VAL A 138 15.29 -1.76 -6.45
N GLU A 139 16.38 -1.44 -7.19
CA GLU A 139 16.94 -2.36 -8.15
C GLU A 139 17.81 -3.42 -7.54
N ASP A 140 18.89 -3.00 -6.85
CA ASP A 140 19.87 -3.92 -6.34
C ASP A 140 19.98 -3.69 -4.86
N THR A 141 20.09 -4.77 -4.07
CA THR A 141 20.18 -4.64 -2.64
C THR A 141 21.34 -5.47 -2.18
N ASN A 142 21.72 -5.32 -0.89
CA ASN A 142 22.82 -6.07 -0.37
C ASN A 142 22.56 -6.33 1.08
N MET A 143 23.11 -7.45 1.60
CA MET A 143 23.06 -7.74 3.01
C MET A 143 24.51 -7.71 3.39
N ILE A 144 24.89 -6.83 4.34
CA ILE A 144 26.28 -6.63 4.62
C ILE A 144 26.56 -6.93 6.05
N TYR A 145 27.71 -7.58 6.30
CA TYR A 145 28.02 -8.02 7.61
C TYR A 145 29.37 -7.46 7.92
N ILE A 146 29.59 -7.16 9.21
CA ILE A 146 30.84 -6.68 9.72
C ILE A 146 31.93 -7.70 9.59
N PRO A 147 31.69 -8.99 9.69
CA PRO A 147 32.82 -9.87 9.77
C PRO A 147 33.85 -10.14 8.73
N ASN A 148 33.72 -9.81 7.43
CA ASN A 148 34.74 -10.16 6.47
C ASN A 148 35.13 -11.60 6.64
N ASP A 149 34.26 -12.50 6.11
CA ASP A 149 34.46 -13.92 6.16
C ASP A 149 34.52 -14.47 7.56
N SER A 150 33.47 -14.23 8.37
CA SER A 150 33.49 -14.89 9.65
C SER A 150 32.78 -16.20 9.49
N VAL A 151 33.56 -17.27 9.28
CA VAL A 151 32.98 -18.56 9.15
C VAL A 151 32.47 -19.04 10.47
N ARG A 152 33.27 -18.87 11.53
CA ARG A 152 32.95 -19.43 12.81
C ARG A 152 31.65 -18.86 13.25
N VAL A 153 31.47 -17.56 13.04
CA VAL A 153 30.25 -16.95 13.46
C VAL A 153 29.15 -17.64 12.72
N THR A 154 29.39 -17.91 11.42
CA THR A 154 28.32 -18.45 10.65
C THR A 154 28.16 -19.91 10.89
N HIS A 155 26.91 -20.32 11.17
CA HIS A 155 26.60 -21.72 11.28
C HIS A 155 25.38 -21.90 10.47
N PRO A 156 24.91 -23.10 10.32
CA PRO A 156 23.79 -23.32 9.45
C PRO A 156 22.54 -22.60 9.86
N ASP A 157 22.33 -22.39 11.17
CA ASP A 157 21.11 -21.75 11.58
C ASP A 157 21.11 -20.35 11.08
N GLU A 158 22.24 -19.62 11.23
CA GLU A 158 22.21 -18.26 10.82
C GLU A 158 22.17 -18.16 9.32
N ALA A 159 22.86 -19.08 8.63
CA ALA A 159 22.94 -19.03 7.19
C ALA A 159 21.57 -19.16 6.62
N ARG A 160 20.76 -20.04 7.23
CA ARG A 160 19.43 -20.32 6.74
C ARG A 160 18.61 -19.07 6.82
N TYR A 161 18.77 -18.30 7.90
CA TYR A 161 17.94 -17.15 8.09
C TYR A 161 18.20 -16.17 6.98
N LEU A 162 19.48 -15.97 6.63
CA LEU A 162 19.85 -15.02 5.62
C LEU A 162 19.24 -15.47 4.33
N ARG A 163 19.25 -16.80 4.08
CA ARG A 163 18.73 -17.32 2.84
C ARG A 163 17.29 -16.94 2.72
N ILE A 164 16.54 -17.05 3.83
CA ILE A 164 15.13 -16.77 3.81
C ILE A 164 14.94 -15.33 3.46
N PHE A 165 15.73 -14.42 4.07
CA PHE A 165 15.56 -13.03 3.83
C PHE A 165 15.92 -12.74 2.39
N GLN A 166 16.97 -13.39 1.86
CA GLN A 166 17.34 -13.09 0.50
C GLN A 166 16.20 -13.43 -0.39
N ASN A 167 15.53 -14.56 -0.12
CA ASN A 167 14.47 -14.98 -0.99
C ASN A 167 13.42 -13.91 -1.03
N VAL A 168 13.07 -13.34 0.15
CA VAL A 168 12.04 -12.35 0.18
C VAL A 168 12.47 -11.10 -0.55
N ASP A 169 13.74 -10.66 -0.36
CA ASP A 169 14.11 -9.42 -0.99
C ASP A 169 14.07 -9.59 -2.47
N LEU A 170 14.48 -10.76 -2.99
CA LEU A 170 14.50 -11.00 -4.41
C LEU A 170 13.11 -11.01 -4.97
N SER A 171 12.18 -11.69 -4.27
CA SER A 171 10.84 -11.93 -4.75
C SER A 171 10.00 -10.68 -4.74
N SER A 172 10.27 -9.72 -3.84
CA SER A 172 9.42 -8.58 -3.69
C SER A 172 9.92 -7.40 -4.48
N ASN A 173 9.06 -6.37 -4.65
CA ASN A 173 9.40 -5.15 -5.35
C ASN A 173 9.17 -4.00 -4.42
N PHE A 174 10.21 -3.32 -3.91
CA PHE A 174 9.95 -2.30 -2.92
C PHE A 174 10.09 -0.95 -3.53
N TYR A 175 9.31 0.03 -3.04
CA TYR A 175 9.35 1.34 -3.61
C TYR A 175 9.41 2.36 -2.50
N PHE A 176 10.05 3.53 -2.77
CA PHE A 176 10.01 4.60 -1.81
C PHE A 176 10.26 5.90 -2.52
N SER A 177 9.90 7.02 -1.87
CA SER A 177 10.14 8.33 -2.40
C SER A 177 10.76 9.12 -1.28
N TYR A 178 11.82 9.90 -1.59
CA TYR A 178 12.50 10.66 -0.57
C TYR A 178 11.58 11.74 -0.06
N SER A 179 10.89 12.43 -0.98
CA SER A 179 10.02 13.55 -0.69
C SER A 179 8.61 13.20 -0.30
N TYR A 180 8.05 12.08 -0.79
CA TYR A 180 6.64 11.81 -0.61
C TYR A 180 6.50 10.52 0.16
N ASP A 181 5.50 10.43 1.07
CA ASP A 181 5.33 9.26 1.88
C ASP A 181 4.38 8.32 1.20
N LEU A 182 4.94 7.26 0.57
CA LEU A 182 4.23 6.24 -0.17
C LEU A 182 3.39 5.36 0.71
N SER A 183 3.74 5.22 2.02
CA SER A 183 2.99 4.36 2.90
C SER A 183 1.61 4.91 3.11
N HIS A 184 1.39 6.22 2.87
CA HIS A 184 0.06 6.73 3.11
C HIS A 184 -0.60 7.16 1.83
N SER A 185 -1.95 7.20 1.85
CA SER A 185 -2.71 7.64 0.71
C SER A 185 -2.55 9.12 0.64
N LEU A 186 -2.93 9.72 -0.51
CA LEU A 186 -2.77 11.12 -0.70
C LEU A 186 -3.64 11.83 0.29
N GLN A 187 -4.83 11.27 0.58
CA GLN A 187 -5.74 11.87 1.51
C GLN A 187 -5.14 11.89 2.89
N TYR A 188 -4.49 10.79 3.32
CA TYR A 188 -3.87 10.73 4.62
C TYR A 188 -2.73 11.71 4.68
N ASN A 189 -1.93 11.78 3.62
CA ASN A 189 -0.78 12.66 3.62
C ASN A 189 -1.26 14.07 3.78
N LEU A 190 -2.43 14.38 3.22
CA LEU A 190 -2.96 15.70 3.30
C LEU A 190 -3.16 16.03 4.75
N THR A 191 -3.68 15.07 5.54
CA THR A 191 -3.96 15.33 6.93
C THR A 191 -2.68 15.52 7.70
N VAL A 192 -1.63 14.71 7.40
CA VAL A 192 -0.41 14.81 8.16
C VAL A 192 0.12 16.20 8.07
N LEU A 193 0.40 16.67 6.83
CA LEU A 193 0.75 18.04 6.55
C LEU A 193 2.22 18.29 6.37
N ARG A 194 3.05 18.17 7.43
CA ARG A 194 4.41 18.63 7.41
C ARG A 194 5.32 17.79 6.53
N MET A 195 4.78 17.15 5.49
CA MET A 195 5.48 16.51 4.40
C MET A 195 6.30 15.33 4.82
N GLY A 230 6.36 15.01 6.12
CA GLY A 230 7.20 13.90 6.52
C GLY A 230 7.03 13.81 8.00
N ILE A 231 7.75 12.89 8.67
CA ILE A 231 8.69 11.99 8.10
C ILE A 231 8.29 10.67 8.66
N CYS A 232 9.24 9.72 8.86
CA CYS A 232 9.00 8.34 9.21
C CYS A 232 8.05 8.27 10.38
N SER A 233 8.03 9.29 11.25
CA SER A 233 7.10 9.21 12.36
C SER A 233 5.69 9.08 11.87
N GLU A 234 5.34 9.80 10.78
CA GLU A 234 4.04 9.89 10.16
C GLU A 234 3.67 8.67 9.35
N PRO A 235 4.57 7.82 8.87
CA PRO A 235 4.12 6.76 8.04
C PRO A 235 3.17 5.79 8.61
N TYR A 236 2.41 5.18 7.71
CA TYR A 236 1.39 4.25 8.11
C TYR A 236 2.14 2.99 8.43
N MET A 237 1.97 2.52 9.68
CA MET A 237 2.71 1.39 10.18
C MET A 237 2.35 0.15 9.42
N LYS A 238 1.08 0.01 8.97
CA LYS A 238 0.71 -1.22 8.32
C LYS A 238 1.59 -1.44 7.11
N TYR A 239 1.80 -0.38 6.32
CA TYR A 239 2.57 -0.38 5.10
C TYR A 239 4.07 -0.25 5.23
N VAL A 240 4.59 0.37 6.31
CA VAL A 240 6.02 0.56 6.46
C VAL A 240 6.66 -0.80 6.48
N TRP A 241 7.21 -1.23 5.34
CA TRP A 241 7.73 -2.55 5.22
C TRP A 241 8.92 -2.74 6.13
N ASN A 242 9.86 -1.77 6.15
CA ASN A 242 11.05 -1.98 6.94
C ASN A 242 10.92 -1.37 8.30
N GLY A 243 9.72 -1.47 8.93
CA GLY A 243 9.53 -0.89 10.22
C GLY A 243 10.43 -1.59 11.21
N GLU A 244 10.46 -2.93 11.17
CA GLU A 244 11.20 -3.70 12.13
C GLU A 244 12.68 -3.49 11.95
N LEU A 245 13.15 -3.36 10.70
CA LEU A 245 14.56 -3.25 10.38
C LEU A 245 15.10 -1.99 10.98
N LEU A 246 14.25 -0.95 11.03
CA LEU A 246 14.46 0.40 11.50
C LEU A 246 14.53 0.54 13.01
N ASP A 247 14.19 -0.51 13.79
CA ASP A 247 14.03 -0.38 15.21
C ASP A 247 15.18 0.32 15.90
N ILE A 248 16.46 -0.05 15.65
CA ILE A 248 17.51 0.59 16.40
C ILE A 248 17.58 2.06 16.09
N ILE A 249 17.49 2.41 14.79
CA ILE A 249 17.56 3.77 14.34
C ILE A 249 16.39 4.58 14.85
N LYS A 250 15.18 4.01 14.91
CA LYS A 250 14.08 4.80 15.42
C LYS A 250 14.35 5.16 16.85
N SER A 251 14.95 4.24 17.62
CA SER A 251 15.18 4.54 19.01
C SER A 251 16.04 5.77 19.09
N THR A 252 17.16 5.79 18.34
CA THR A 252 18.10 6.88 18.42
C THR A 252 17.50 8.17 17.93
N VAL A 253 16.79 8.12 16.78
CA VAL A 253 16.19 9.27 16.17
C VAL A 253 17.22 10.04 15.37
N HIS A 254 17.50 9.59 14.12
CA HIS A 254 18.31 10.19 13.09
C HIS A 254 17.40 10.01 11.91
N ARG A 255 16.54 11.01 11.67
CA ARG A 255 15.46 11.01 10.72
C ARG A 255 15.94 10.83 9.32
N ASP A 256 17.08 11.44 8.96
CA ASP A 256 17.54 11.41 7.61
C ASP A 256 17.77 9.99 7.16
N TRP A 257 18.25 9.14 8.08
CA TRP A 257 18.54 7.77 7.80
C TRP A 257 17.31 6.92 7.61
N LEU A 258 16.17 7.28 8.22
CA LEU A 258 15.02 6.41 8.16
C LEU A 258 14.17 6.73 6.97
N LEU A 259 14.13 5.79 5.99
CA LEU A 259 13.29 5.98 4.84
C LEU A 259 12.33 4.84 4.78
N TYR A 260 11.01 5.11 4.92
CA TYR A 260 10.07 4.04 4.87
C TYR A 260 9.89 3.57 3.46
N ILE A 261 10.08 0.87 0.90
CA ILE A 261 9.74 0.27 -0.36
C ILE A 261 8.36 -0.33 -0.22
N ILE A 262 7.59 -0.37 -1.33
CA ILE A 262 6.26 -0.95 -1.32
C ILE A 262 6.29 -2.15 -2.24
N HIS A 263 5.45 -3.16 -1.91
CA HIS A 263 5.34 -4.43 -2.57
C HIS A 263 4.60 -4.50 -3.90
N GLY A 264 3.45 -3.83 -4.14
CA GLY A 264 2.72 -4.16 -5.35
C GLY A 264 3.03 -3.62 -6.73
N PHE A 265 2.78 -2.31 -7.01
CA PHE A 265 2.80 -1.85 -8.38
C PHE A 265 2.74 -0.34 -8.39
N CYS A 266 3.45 0.32 -9.34
CA CYS A 266 3.37 1.76 -9.47
C CYS A 266 3.82 2.12 -10.85
N GLY A 267 2.96 2.85 -11.61
CA GLY A 267 3.31 3.21 -12.95
C GLY A 267 2.49 4.39 -13.37
N GLN A 268 3.01 5.18 -14.34
CA GLN A 268 2.28 6.32 -14.83
C GLN A 268 2.40 6.32 -16.32
N SER A 269 1.43 6.95 -17.00
CA SER A 269 1.47 7.03 -18.44
C SER A 269 1.07 8.42 -18.83
N LYS A 270 1.66 8.94 -19.92
CA LYS A 270 1.33 10.27 -20.38
C LYS A 270 0.27 10.12 -21.43
N LEU A 271 -0.74 11.01 -21.41
CA LEU A 271 -1.76 10.94 -22.41
C LEU A 271 -2.23 12.32 -22.70
N LEU A 272 -3.10 12.47 -23.71
CA LEU A 272 -3.62 13.77 -24.06
C LEU A 272 -5.09 13.60 -24.21
N ILE A 273 -5.89 14.49 -23.59
CA ILE A 273 -7.30 14.45 -23.79
C ILE A 273 -7.76 15.84 -24.05
N TYR A 274 -8.40 16.05 -25.23
CA TYR A 274 -8.93 17.33 -25.60
C TYR A 274 -7.83 18.35 -25.59
N GLY A 275 -6.60 17.95 -26.01
CA GLY A 275 -5.54 18.91 -26.14
C GLY A 275 -4.95 19.25 -24.80
N ARG A 276 -5.39 18.58 -23.73
CA ARG A 276 -4.82 18.85 -22.45
C ARG A 276 -3.88 17.72 -22.16
N PRO A 277 -2.64 18.05 -21.84
CA PRO A 277 -1.70 17.00 -21.53
C PRO A 277 -2.09 16.45 -20.20
N VAL A 278 -1.88 15.14 -19.97
CA VAL A 278 -2.34 14.54 -18.76
C VAL A 278 -1.38 13.47 -18.33
N TYR A 279 -1.33 13.19 -17.02
CA TYR A 279 -0.53 12.11 -16.50
C TYR A 279 -1.46 11.26 -15.68
N VAL A 280 -1.54 9.95 -15.99
CA VAL A 280 -2.39 9.05 -15.26
C VAL A 280 -1.50 8.09 -14.53
N THR A 281 -1.84 7.72 -13.28
CA THR A 281 -0.98 6.85 -12.54
C THR A 281 -1.81 5.85 -11.80
N LEU A 282 -1.22 4.68 -11.46
CA LEU A 282 -1.91 3.71 -10.65
C LEU A 282 -0.89 3.07 -9.75
N ILE A 283 -1.23 2.96 -8.46
CA ILE A 283 -0.33 2.38 -7.50
C ILE A 283 -1.10 1.41 -6.66
N ALA A 284 -0.51 0.23 -6.38
CA ALA A 284 -1.12 -0.70 -5.48
C ALA A 284 -0.06 -1.00 -4.46
N ARG A 285 -0.41 -0.95 -3.16
CA ARG A 285 0.50 -1.25 -2.10
C ARG A 285 -0.11 -2.41 -1.38
N ARG A 286 0.71 -3.42 -1.02
CA ARG A 286 0.18 -4.59 -0.36
C ARG A 286 0.70 -4.60 1.04
N SER A 287 -0.14 -5.10 1.97
CA SER A 287 0.19 -5.01 3.37
C SER A 287 1.15 -6.06 3.82
N SER A 288 2.05 -5.61 4.72
CA SER A 288 3.04 -6.41 5.37
C SER A 288 2.43 -6.68 6.72
N LYS A 289 2.30 -7.98 7.04
CA LYS A 289 1.58 -8.50 8.17
C LYS A 289 2.39 -8.54 9.41
N PHE A 290 1.67 -8.72 10.55
CA PHE A 290 1.63 -7.74 11.58
C PHE A 290 1.97 -8.28 12.92
N ALA A 291 2.00 -7.35 13.90
CA ALA A 291 2.37 -7.63 15.26
C ALA A 291 1.31 -8.44 15.93
N GLY A 292 1.73 -9.20 16.97
CA GLY A 292 0.84 -10.00 17.77
C GLY A 292 1.60 -11.21 18.20
N THR A 293 1.15 -11.83 19.31
CA THR A 293 1.78 -12.99 19.89
C THR A 293 1.64 -14.15 18.95
N ARG A 294 0.45 -14.32 18.32
CA ARG A 294 0.25 -15.44 17.43
C ARG A 294 -0.27 -14.92 16.11
N PHE A 295 -0.30 -15.77 15.05
CA PHE A 295 -0.66 -15.21 13.75
C PHE A 295 -1.49 -16.17 12.93
N LEU A 296 -2.04 -15.63 11.81
CA LEU A 296 -2.79 -16.34 10.80
C LEU A 296 -3.12 -15.33 9.73
N LYS A 297 -2.85 -15.64 8.45
CA LYS A 297 -3.04 -14.72 7.36
C LYS A 297 -4.48 -14.30 7.22
N ARG A 298 -5.42 -15.26 7.13
CA ARG A 298 -6.77 -14.86 6.86
C ARG A 298 -7.44 -14.35 8.09
N GLY A 299 -8.25 -13.28 7.95
CA GLY A 299 -9.04 -12.76 9.03
C GLY A 299 -8.35 -11.68 9.79
N ALA A 300 -8.99 -11.23 10.89
CA ALA A 300 -8.52 -10.15 11.71
C ALA A 300 -8.13 -10.64 13.07
N ASN A 301 -7.10 -9.99 13.69
CA ASN A 301 -6.63 -10.30 15.00
C ASN A 301 -7.50 -9.58 16.00
N CYS A 302 -7.20 -9.73 17.31
CA CYS A 302 -7.98 -9.13 18.37
C CYS A 302 -7.90 -7.64 18.23
N GLU A 303 -6.73 -7.14 17.81
CA GLU A 303 -6.41 -5.75 17.63
C GLU A 303 -7.20 -5.15 16.49
N GLY A 304 -7.71 -5.97 15.54
CA GLY A 304 -8.49 -5.40 14.47
C GLY A 304 -7.68 -5.31 13.20
N ASP A 305 -6.47 -5.93 13.14
CA ASP A 305 -5.66 -5.90 11.95
C ASP A 305 -5.91 -7.17 11.16
N VAL A 306 -6.17 -7.06 9.83
CA VAL A 306 -6.45 -8.14 8.92
C VAL A 306 -5.25 -8.89 8.39
N ALA A 307 -4.10 -8.21 8.21
CA ALA A 307 -2.88 -8.79 7.71
C ALA A 307 -2.86 -8.89 6.20
N ASN A 308 -3.97 -9.25 5.53
CA ASN A 308 -3.86 -9.22 4.10
C ASN A 308 -4.73 -8.09 3.65
N GLU A 309 -4.10 -7.00 3.17
CA GLU A 309 -4.86 -5.86 2.75
C GLU A 309 -4.07 -5.14 1.69
N VAL A 310 -4.78 -4.47 0.74
CA VAL A 310 -4.12 -3.74 -0.31
C VAL A 310 -4.88 -2.48 -0.57
N GLU A 311 -4.16 -1.39 -0.95
CA GLU A 311 -4.80 -0.17 -1.33
C GLU A 311 -4.46 0.01 -2.77
N THR A 312 -5.46 0.42 -3.59
CA THR A 312 -5.21 0.68 -4.98
C THR A 312 -5.58 2.11 -5.19
N GLU A 313 -4.67 2.91 -5.78
CA GLU A 313 -4.91 4.32 -5.87
C GLU A 313 -4.72 4.78 -7.29
N GLN A 314 -5.71 5.54 -7.81
CA GLN A 314 -5.65 6.08 -9.14
C GLN A 314 -5.34 7.54 -9.00
N ILE A 315 -4.28 8.03 -9.68
CA ILE A 315 -3.95 9.41 -9.55
C ILE A 315 -3.88 10.07 -10.89
N LEU A 316 -4.18 11.39 -10.93
CA LEU A 316 -4.22 12.11 -12.16
C LEU A 316 -3.63 13.48 -11.95
N CYS A 317 -2.91 14.01 -12.97
CA CYS A 317 -2.39 15.35 -12.92
C CYS A 317 -2.75 16.01 -14.22
N ASP A 318 -3.45 17.17 -14.19
CA ASP A 318 -3.85 17.85 -15.39
C ASP A 318 -3.86 19.34 -15.19
N ALA A 319 -3.86 20.10 -16.31
CA ALA A 319 -3.88 21.54 -16.24
C ALA A 319 -5.20 22.03 -16.72
N SER A 320 -5.78 23.03 -16.01
CA SER A 320 -7.02 23.57 -16.47
C SER A 320 -6.71 24.36 -17.70
N VAL A 321 -7.41 24.05 -18.82
CA VAL A 321 -7.16 24.76 -20.04
C VAL A 321 -7.62 26.17 -19.89
N MET A 322 -8.83 26.36 -19.33
CA MET A 322 -9.44 27.66 -19.24
C MET A 322 -8.76 28.46 -18.18
N SER A 323 -8.59 29.77 -18.46
CA SER A 323 -8.01 30.64 -17.48
C SER A 323 -6.55 30.37 -17.43
N PHE A 324 -5.85 31.00 -16.47
CA PHE A 324 -4.45 30.76 -16.33
C PHE A 324 -4.34 29.29 -16.08
N THR A 325 -3.42 28.61 -16.78
CA THR A 325 -3.36 27.20 -16.58
C THR A 325 -2.94 26.95 -15.17
N ALA A 326 -3.81 26.26 -14.42
CA ALA A 326 -3.53 25.91 -13.07
C ALA A 326 -3.41 24.42 -13.08
N GLY A 327 -2.48 23.85 -12.28
CA GLY A 327 -2.31 22.43 -12.32
C GLY A 327 -3.12 21.83 -11.22
N SER A 328 -3.87 20.75 -11.55
CA SER A 328 -4.69 20.10 -10.57
C SER A 328 -4.18 18.70 -10.39
N TYR A 329 -4.25 18.17 -9.14
CA TYR A 329 -3.83 16.82 -8.95
C TYR A 329 -4.94 16.11 -8.24
N SER A 330 -5.22 14.84 -8.61
CA SER A 330 -6.33 14.12 -8.02
C SER A 330 -5.90 12.75 -7.61
N SER A 331 -6.59 12.19 -6.59
CA SER A 331 -6.31 10.86 -6.13
C SER A 331 -7.61 10.21 -5.75
N TYR A 332 -7.79 8.92 -6.13
CA TYR A 332 -8.96 8.16 -5.80
C TYR A 332 -8.49 6.84 -5.27
N VAL A 333 -8.87 6.48 -4.01
CA VAL A 333 -8.34 5.28 -3.40
C VAL A 333 -9.43 4.26 -3.18
N GLN A 334 -9.05 2.95 -3.26
CA GLN A 334 -9.92 1.84 -2.99
C GLN A 334 -9.14 0.85 -2.18
N VAL A 335 -9.83 -0.08 -1.48
CA VAL A 335 -9.17 -1.04 -0.64
C VAL A 335 -9.68 -2.43 -0.93
N ARG A 336 -8.85 -3.45 -0.65
CA ARG A 336 -9.23 -4.82 -0.81
C ARG A 336 -8.57 -5.57 0.31
N GLY A 337 -9.26 -6.54 0.95
CA GLY A 337 -8.60 -7.20 2.05
C GLY A 337 -9.38 -8.39 2.50
N SER A 338 -8.84 -9.11 3.52
CA SER A 338 -9.45 -10.31 4.02
C SER A 338 -10.69 -9.93 4.74
N VAL A 339 -11.69 -10.84 4.75
CA VAL A 339 -12.94 -10.57 5.41
C VAL A 339 -12.62 -10.48 6.87
N PRO A 340 -12.95 -9.36 7.47
CA PRO A 340 -12.68 -9.14 8.87
C PRO A 340 -13.49 -10.03 9.77
N LEU A 341 -13.08 -11.31 9.89
CA LEU A 341 -13.64 -12.34 10.72
C LEU A 341 -12.50 -12.73 11.59
N TYR A 342 -12.75 -13.06 12.87
CA TYR A 342 -11.67 -13.42 13.75
C TYR A 342 -10.92 -14.58 13.14
N TRP A 343 -9.57 -14.55 13.26
CA TRP A 343 -8.67 -15.47 12.63
C TRP A 343 -8.95 -16.88 13.04
N SER A 344 -9.49 -17.10 14.27
CA SER A 344 -9.77 -18.46 14.66
C SER A 344 -10.70 -19.07 13.64
N GLN A 345 -10.16 -20.00 12.83
CA GLN A 345 -10.97 -20.62 11.84
C GLN A 345 -10.67 -22.07 11.82
N ASP A 346 -11.71 -22.89 11.63
CA ASP A 346 -11.54 -24.32 11.60
C ASP A 346 -11.14 -24.67 10.21
N ILE A 347 -9.83 -24.82 9.97
CA ILE A 347 -9.47 -25.17 8.63
C ILE A 347 -9.30 -26.66 8.62
N SER A 348 -10.44 -27.36 8.58
CA SER A 348 -10.43 -28.78 8.45
C SER A 348 -11.24 -29.02 7.23
N THR A 349 -10.71 -28.59 6.08
CA THR A 349 -11.39 -28.75 4.83
C THR A 349 -11.44 -30.21 4.61
N MET A 350 -10.39 -30.90 5.09
CA MET A 350 -10.29 -32.30 4.87
C MET A 350 -11.49 -32.96 5.49
N MET A 351 -11.86 -32.57 6.72
CA MET A 351 -12.95 -33.14 7.42
C MET A 351 -14.22 -32.54 6.89
N PRO A 352 -15.33 -32.79 7.54
CA PRO A 352 -16.58 -32.23 7.09
C PRO A 352 -16.60 -30.75 7.15
N LYS A 353 -17.55 -30.12 6.42
CA LYS A 353 -17.57 -28.70 6.30
C LYS A 353 -17.82 -27.99 7.60
N PRO A 354 -16.96 -27.04 7.82
CA PRO A 354 -17.00 -26.23 9.02
C PRO A 354 -18.01 -25.11 9.06
N PRO A 355 -18.65 -24.99 10.19
CA PRO A 355 -19.62 -23.94 10.43
C PRO A 355 -19.21 -22.57 10.91
N ILE A 356 -17.95 -22.32 11.32
CA ILE A 356 -17.47 -21.10 11.93
C ILE A 356 -18.26 -20.76 13.15
N THR A 357 -17.57 -20.59 14.30
CA THR A 357 -18.26 -20.20 15.49
C THR A 357 -18.04 -18.74 15.61
N LEU A 358 -19.07 -17.96 15.20
CA LEU A 358 -18.91 -16.55 15.19
C LEU A 358 -18.72 -16.06 16.56
N ASP A 359 -19.59 -16.48 17.49
CA ASP A 359 -19.38 -15.88 18.77
C ASP A 359 -20.34 -16.40 19.79
N GLN A 360 -20.08 -17.58 20.37
CA GLN A 360 -20.90 -17.88 21.51
C GLN A 360 -20.45 -16.83 22.46
N ALA A 361 -19.12 -16.59 22.44
CA ALA A 361 -18.42 -15.55 23.11
C ALA A 361 -18.60 -14.41 22.17
N ASP A 362 -17.76 -13.36 22.20
CA ASP A 362 -18.02 -12.43 21.14
C ASP A 362 -16.75 -11.99 20.44
N PRO A 363 -15.88 -12.84 19.92
CA PRO A 363 -14.73 -12.36 19.20
C PRO A 363 -15.00 -11.80 17.84
N PHE A 364 -15.95 -12.42 17.10
CA PHE A 364 -16.26 -12.07 15.74
C PHE A 364 -16.84 -10.70 15.71
N ALA A 365 -17.77 -10.42 16.64
CA ALA A 365 -18.34 -9.11 16.70
C ALA A 365 -17.27 -8.13 17.13
N HIS A 366 -16.48 -8.51 18.15
CA HIS A 366 -15.49 -7.59 18.68
C HIS A 366 -14.43 -7.27 17.68
N VAL A 367 -13.86 -8.30 17.02
CA VAL A 367 -12.76 -8.09 16.12
C VAL A 367 -13.21 -7.26 14.96
N ALA A 368 -14.40 -7.57 14.41
CA ALA A 368 -14.89 -6.85 13.27
C ALA A 368 -15.09 -5.41 13.66
N ALA A 369 -15.64 -5.16 14.85
CA ALA A 369 -15.92 -3.81 15.24
C ALA A 369 -14.64 -3.03 15.30
N LEU A 370 -13.59 -3.64 15.87
CA LEU A 370 -12.33 -2.99 16.05
C LEU A 370 -11.72 -2.72 14.71
N HIS A 371 -11.86 -3.67 13.76
CA HIS A 371 -11.31 -3.48 12.45
C HIS A 371 -12.01 -2.32 11.77
N PHE A 372 -13.34 -2.27 11.89
CA PHE A 372 -14.09 -1.24 11.21
C PHE A 372 -13.80 0.11 11.79
N ASP A 373 -13.56 0.19 13.10
CA ASP A 373 -13.26 1.45 13.71
C ASP A 373 -12.02 2.00 13.06
N GLN A 374 -11.00 1.15 12.84
CA GLN A 374 -9.79 1.60 12.22
C GLN A 374 -10.07 2.04 10.82
N MET A 375 -10.87 1.25 10.08
CA MET A 375 -11.13 1.57 8.70
C MET A 375 -11.86 2.89 8.63
N PHE A 376 -12.81 3.13 9.55
CA PHE A 376 -13.52 4.38 9.43
C PHE A 376 -12.56 5.49 9.69
N GLN A 377 -11.62 5.30 10.63
CA GLN A 377 -10.71 6.38 10.90
C GLN A 377 -9.96 6.73 9.65
N ARG A 378 -9.35 5.73 9.00
CA ARG A 378 -8.50 6.02 7.88
C ARG A 378 -9.27 6.53 6.70
N PHE A 379 -10.24 5.74 6.22
CA PHE A 379 -11.02 6.00 5.04
C PHE A 379 -12.10 6.99 5.29
N GLY A 380 -12.63 6.97 6.51
CA GLY A 380 -13.61 7.92 6.93
C GLY A 380 -14.96 7.50 6.66
N SER A 381 -15.68 8.51 6.13
CA SER A 381 -17.00 8.49 5.64
C SER A 381 -17.05 7.16 4.95
N PRO A 382 -18.19 6.64 5.00
CA PRO A 382 -18.37 5.23 4.84
C PRO A 382 -17.53 4.34 4.04
N ILE A 383 -17.44 3.11 4.60
CA ILE A 383 -16.77 2.02 3.98
C ILE A 383 -17.87 1.22 3.37
N ILE A 384 -17.88 1.14 2.02
CA ILE A 384 -18.90 0.35 1.41
C ILE A 384 -18.29 -0.95 1.04
N ILE A 385 -18.82 -2.04 1.63
CA ILE A 385 -18.19 -3.31 1.45
C ILE A 385 -18.90 -4.09 0.38
N LEU A 386 -18.13 -4.52 -0.63
CA LEU A 386 -18.70 -5.26 -1.73
C LEU A 386 -18.29 -6.69 -1.58
N ASN A 387 -19.28 -7.60 -1.51
CA ASN A 387 -19.03 -9.01 -1.39
C ASN A 387 -19.65 -9.64 -2.62
N LEU A 388 -18.86 -10.42 -3.39
CA LEU A 388 -19.41 -10.98 -4.61
C LEU A 388 -19.93 -12.36 -4.30
N VAL A 389 -21.24 -12.59 -4.51
CA VAL A 389 -21.85 -13.85 -4.16
C VAL A 389 -21.39 -15.01 -5.01
N LYS A 390 -21.70 -15.00 -6.32
CA LYS A 390 -21.40 -16.05 -7.27
C LYS A 390 -21.82 -17.42 -6.78
N GLU A 391 -23.09 -17.61 -6.35
CA GLU A 391 -23.49 -18.94 -5.92
C GLU A 391 -24.89 -19.23 -6.39
N ARG A 392 -25.10 -20.41 -7.01
CA ARG A 392 -26.42 -20.85 -7.41
C ARG A 392 -27.23 -21.25 -6.21
N GLU A 393 -26.58 -22.01 -5.30
CA GLU A 393 -27.20 -22.52 -4.11
C GLU A 393 -28.15 -23.62 -4.48
N LYS A 394 -28.27 -23.96 -5.78
CA LYS A 394 -29.08 -25.11 -6.05
C LYS A 394 -28.25 -26.24 -5.52
N ARG A 395 -26.94 -26.14 -5.82
CA ARG A 395 -25.89 -27.00 -5.36
C ARG A 395 -25.79 -26.72 -3.91
N LYS A 396 -26.31 -25.54 -3.53
CA LYS A 396 -26.28 -24.97 -2.21
C LYS A 396 -24.86 -24.71 -1.88
N HIS A 397 -24.12 -24.15 -2.86
CA HIS A 397 -22.76 -23.79 -2.60
C HIS A 397 -22.79 -22.62 -1.70
N GLU A 398 -22.75 -22.88 -0.38
CA GLU A 398 -22.75 -21.82 0.58
C GLU A 398 -21.39 -21.81 1.21
N ARG A 399 -20.89 -20.61 1.52
CA ARG A 399 -19.58 -20.52 2.12
C ARG A 399 -19.79 -20.04 3.52
N ILE A 400 -19.05 -20.64 4.46
CA ILE A 400 -19.23 -20.30 5.84
C ILE A 400 -18.82 -18.87 6.07
N LEU A 401 -17.66 -18.45 5.52
CA LEU A 401 -17.15 -17.12 5.75
C LEU A 401 -18.06 -16.10 5.14
N SER A 402 -18.68 -16.42 3.99
CA SER A 402 -19.53 -15.47 3.31
C SER A 402 -20.66 -15.06 4.19
N GLU A 403 -21.42 -16.04 4.72
CA GLU A 403 -22.57 -15.79 5.53
C GLU A 403 -22.16 -15.10 6.78
N GLU A 404 -20.99 -15.47 7.32
CA GLU A 404 -20.50 -14.93 8.56
C GLU A 404 -20.36 -13.45 8.42
N LEU A 405 -19.77 -13.00 7.29
CA LEU A 405 -19.48 -11.61 7.15
C LEU A 405 -20.73 -10.81 7.19
N VAL A 406 -21.77 -11.23 6.44
CA VAL A 406 -22.98 -10.47 6.36
C VAL A 406 -23.66 -10.42 7.70
N ALA A 407 -23.72 -11.54 8.43
CA ALA A 407 -24.44 -11.55 9.67
C ALA A 407 -23.77 -10.60 10.61
N ALA A 408 -22.43 -10.63 10.66
CA ALA A 408 -21.70 -9.78 11.56
C ALA A 408 -21.95 -8.34 11.23
N VAL A 409 -21.87 -7.99 9.93
CA VAL A 409 -22.01 -6.61 9.56
C VAL A 409 -23.38 -6.13 9.94
N THR A 410 -24.41 -6.96 9.67
CA THR A 410 -25.77 -6.59 9.97
C THR A 410 -25.93 -6.43 11.45
N TYR A 411 -25.30 -7.33 12.21
CA TYR A 411 -25.44 -7.37 13.64
C TYR A 411 -24.92 -6.07 14.19
N LEU A 412 -23.74 -5.61 13.72
CA LEU A 412 -23.18 -4.40 14.25
C LEU A 412 -24.08 -3.26 13.95
N ASN A 413 -24.58 -3.18 12.70
CA ASN A 413 -25.47 -2.12 12.30
C ASN A 413 -24.85 -0.82 12.73
N GLN A 414 -23.67 -0.50 12.15
CA GLN A 414 -22.91 0.65 12.56
C GLN A 414 -23.75 1.87 12.52
N PHE A 415 -23.67 2.67 13.60
CA PHE A 415 -24.32 3.93 13.78
C PHE A 415 -23.41 4.83 14.56
N LEU A 416 -23.52 6.14 14.30
CA LEU A 416 -22.82 7.14 15.04
C LEU A 416 -23.14 8.45 14.35
N PRO A 417 -22.44 9.01 13.38
CA PRO A 417 -23.01 10.18 12.78
C PRO A 417 -24.13 9.70 11.92
N PRO A 418 -24.85 10.57 11.29
CA PRO A 418 -25.95 10.12 10.49
C PRO A 418 -25.43 9.21 9.43
N GLU A 419 -26.16 8.11 9.18
CA GLU A 419 -25.82 7.07 8.26
C GLU A 419 -25.19 5.99 9.07
N HIS A 420 -25.26 4.74 8.57
CA HIS A 420 -24.76 3.63 9.33
C HIS A 420 -23.32 3.87 9.61
N THR A 421 -22.55 4.05 8.51
CA THR A 421 -21.12 4.25 8.48
C THR A 421 -20.61 3.18 7.59
N ILE A 422 -21.03 1.93 7.84
CA ILE A 422 -20.56 0.91 6.95
C ILE A 422 -21.73 0.31 6.24
N VAL A 423 -21.63 0.24 4.90
CA VAL A 423 -22.69 -0.29 4.09
C VAL A 423 -22.22 -1.57 3.49
N TYR A 424 -23.16 -2.53 3.33
CA TYR A 424 -22.79 -3.84 2.86
C TYR A 424 -23.57 -4.17 1.62
N ILE A 425 -22.88 -4.69 0.58
CA ILE A 425 -23.59 -5.06 -0.62
C ILE A 425 -23.13 -6.41 -1.07
N PRO A 426 -24.02 -7.36 -1.15
CA PRO A 426 -23.67 -8.60 -1.79
C PRO A 426 -23.93 -8.35 -3.23
N TRP A 427 -23.10 -8.86 -4.16
CA TRP A 427 -23.40 -8.55 -5.52
C TRP A 427 -23.09 -9.72 -6.40
N ASP A 428 -24.01 -10.04 -7.33
CA ASP A 428 -23.81 -11.16 -8.19
C ASP A 428 -23.15 -10.68 -9.44
N MET A 429 -21.90 -11.11 -9.68
CA MET A 429 -21.22 -10.71 -10.88
C MET A 429 -20.84 -11.97 -11.62
N ALA A 430 -21.63 -12.34 -12.65
CA ALA A 430 -21.41 -13.60 -13.31
C ALA A 430 -21.16 -13.40 -14.78
N LYS A 431 -20.81 -14.50 -15.47
CA LYS A 431 -20.55 -14.51 -16.89
C LYS A 431 -21.86 -14.36 -17.58
N TYR A 432 -21.87 -14.20 -18.92
CA TYR A 432 -20.71 -14.21 -19.78
C TYR A 432 -19.91 -13.01 -19.40
N THR A 433 -18.59 -13.20 -19.22
CA THR A 433 -17.68 -12.22 -18.70
C THR A 433 -17.50 -11.00 -19.56
N LYS A 434 -17.52 -11.13 -20.90
CA LYS A 434 -17.29 -9.91 -21.64
C LYS A 434 -18.61 -9.47 -22.23
N SER A 435 -19.48 -8.90 -21.38
CA SER A 435 -20.78 -8.50 -21.85
C SER A 435 -21.62 -8.31 -20.63
N LYS A 436 -22.28 -9.41 -20.22
CA LYS A 436 -23.18 -9.47 -19.10
C LYS A 436 -22.45 -9.09 -17.85
N LEU A 437 -21.19 -9.52 -17.70
CA LEU A 437 -20.43 -9.26 -16.51
C LEU A 437 -20.24 -7.77 -16.34
N CYS A 438 -19.83 -7.05 -17.40
CA CYS A 438 -19.58 -5.63 -17.28
C CYS A 438 -20.87 -4.94 -16.99
N ASN A 439 -21.97 -5.39 -17.61
CA ASN A 439 -23.22 -4.73 -17.41
C ASN A 439 -23.53 -4.76 -15.95
N VAL A 440 -23.28 -5.90 -15.29
CA VAL A 440 -23.62 -6.02 -13.90
C VAL A 440 -22.81 -5.03 -13.10
N LEU A 441 -21.54 -4.76 -13.51
CA LEU A 441 -20.65 -3.89 -12.78
C LEU A 441 -21.28 -2.53 -12.68
N ASP A 442 -21.86 -2.04 -13.79
CA ASP A 442 -22.47 -0.74 -13.82
C ASP A 442 -23.62 -0.77 -12.86
N ARG A 443 -24.34 -1.90 -12.79
CA ARG A 443 -25.48 -2.02 -11.92
C ARG A 443 -25.01 -1.90 -10.50
N LEU A 444 -23.83 -2.48 -10.19
CA LEU A 444 -23.29 -2.45 -8.87
C LEU A 444 -23.05 -1.01 -8.50
N ASN A 445 -22.52 -0.22 -9.44
CA ASN A 445 -22.21 1.15 -9.15
C ASN A 445 -23.48 1.86 -8.81
N VAL A 446 -24.56 1.58 -9.55
CA VAL A 446 -25.81 2.26 -9.34
C VAL A 446 -26.29 1.99 -7.95
N ILE A 447 -26.22 0.73 -7.49
CA ILE A 447 -26.71 0.42 -6.18
C ILE A 447 -25.86 1.13 -5.17
N ALA A 448 -24.53 1.13 -5.36
CA ALA A 448 -23.67 1.80 -4.43
C ALA A 448 -24.06 3.23 -4.42
N GLU A 449 -24.39 3.79 -5.59
CA GLU A 449 -24.66 5.19 -5.80
C GLU A 449 -25.78 5.66 -4.96
N SER A 450 -26.75 4.79 -4.64
CA SER A 450 -27.79 5.21 -3.76
C SER A 450 -27.06 5.68 -2.54
N VAL A 451 -26.14 4.85 -2.03
CA VAL A 451 -25.32 5.16 -0.89
C VAL A 451 -24.08 6.10 -1.13
N VAL A 452 -23.20 5.97 -2.22
CA VAL A 452 -21.89 6.62 -2.44
C VAL A 452 -21.88 7.62 -3.60
N LYS A 453 -20.84 8.50 -3.66
CA LYS A 453 -20.72 9.57 -4.65
C LYS A 453 -19.44 9.48 -5.45
N LYS A 454 -19.55 9.84 -6.75
CA LYS A 454 -18.52 9.89 -7.76
C LYS A 454 -17.60 11.06 -7.51
N THR A 455 -18.14 12.13 -6.88
CA THR A 455 -17.42 13.32 -6.59
C THR A 455 -16.37 13.06 -5.55
N GLY A 456 -16.60 12.06 -4.68
CA GLY A 456 -15.71 11.85 -3.56
C GLY A 456 -14.34 11.39 -3.97
N PHE A 457 -13.40 12.35 -4.13
CA PHE A 457 -12.03 12.05 -4.42
C PHE A 457 -11.18 13.21 -3.94
N PHE A 458 -9.86 12.97 -3.79
CA PHE A 458 -8.92 13.96 -3.32
C PHE A 458 -8.57 14.84 -4.48
N VAL A 459 -8.55 16.19 -4.28
CA VAL A 459 -8.18 17.08 -5.34
C VAL A 459 -7.47 18.26 -4.74
N ASN A 460 -6.36 18.69 -5.38
CA ASN A 460 -5.61 19.83 -4.90
C ASN A 460 -5.10 20.59 -6.10
N ARG A 461 -4.75 21.88 -5.90
CA ARG A 461 -4.22 22.69 -6.96
C ARG A 461 -2.83 23.12 -6.57
N PRO A 462 -1.84 22.67 -7.29
CA PRO A 462 -0.48 23.08 -7.02
C PRO A 462 -0.04 24.24 -7.88
N ASP A 463 1.06 24.93 -7.49
CA ASP A 463 1.56 26.02 -8.29
C ASP A 463 2.69 25.51 -9.12
N SER A 464 3.25 26.37 -9.99
CA SER A 464 4.43 25.91 -10.65
C SER A 464 5.37 25.82 -9.50
N GLY A 479 6.15 24.73 -9.43
CA GLY A 479 6.96 24.56 -8.26
C GLY A 479 6.44 23.32 -7.60
N GLY A 480 5.14 23.03 -7.78
CA GLY A 480 4.61 21.77 -7.32
C GLY A 480 4.14 21.83 -5.89
N CYS A 481 4.07 23.02 -5.28
CA CYS A 481 3.57 23.11 -3.93
C CYS A 481 2.08 23.18 -4.00
N VAL A 482 1.37 22.97 -2.86
CA VAL A 482 -0.07 22.94 -2.93
C VAL A 482 -0.66 24.23 -2.50
N ILE A 483 -1.28 24.96 -3.46
CA ILE A 483 -1.99 26.13 -3.06
C ILE A 483 -3.34 25.81 -2.46
N PRO A 484 -4.28 25.16 -3.14
CA PRO A 484 -5.51 24.85 -2.45
C PRO A 484 -5.78 23.39 -2.27
N THR A 485 -6.76 23.03 -1.42
CA THR A 485 -7.21 21.67 -1.32
C THR A 485 -8.67 21.75 -1.66
N GLY A 486 -9.04 21.38 -2.90
CA GLY A 486 -10.42 21.47 -3.30
C GLY A 486 -11.26 20.47 -2.58
N ARG A 487 -10.81 19.19 -2.52
CA ARG A 487 -11.65 18.23 -1.84
C ARG A 487 -10.82 17.10 -1.31
N LEU A 488 -11.40 16.34 -0.36
CA LEU A 488 -10.78 15.21 0.24
C LEU A 488 -11.73 14.05 0.10
N GLN A 489 -11.21 12.81 -0.05
CA GLN A 489 -12.04 11.65 -0.20
C GLN A 489 -12.45 11.14 1.16
N THR A 490 -13.77 11.14 1.40
CA THR A 490 -14.43 10.70 2.60
C THR A 490 -14.67 9.22 2.66
N GLY A 491 -14.88 8.49 1.56
CA GLY A 491 -15.29 7.11 1.79
C GLY A 491 -14.46 6.20 0.96
N ILE A 492 -14.61 4.87 1.16
CA ILE A 492 -13.87 3.94 0.35
C ILE A 492 -14.71 2.72 0.06
N LEU A 493 -14.50 2.12 -1.14
CA LEU A 493 -15.18 0.90 -1.52
C LEU A 493 -14.20 -0.20 -1.23
N ARG A 494 -14.60 -1.19 -0.42
CA ARG A 494 -13.68 -2.24 -0.06
C ARG A 494 -14.16 -3.56 -0.64
N THR A 495 -13.28 -4.25 -1.40
CA THR A 495 -13.63 -5.53 -1.96
C THR A 495 -12.94 -6.59 -1.14
N ASN A 496 -13.22 -7.89 -1.45
CA ASN A 496 -12.68 -8.98 -0.66
C ASN A 496 -11.58 -9.67 -1.40
N CYS A 497 -10.53 -10.02 -0.64
CA CYS A 497 -9.35 -10.69 -1.11
C CYS A 497 -9.74 -12.07 -1.58
N VAL A 498 -10.75 -12.67 -0.92
CA VAL A 498 -11.19 -14.01 -1.22
C VAL A 498 -11.79 -14.10 -2.59
N ASP A 499 -12.53 -13.07 -3.05
CA ASP A 499 -13.18 -13.16 -4.34
C ASP A 499 -12.11 -13.19 -5.40
N CYS A 500 -12.49 -13.57 -6.64
CA CYS A 500 -11.51 -13.71 -7.68
C CYS A 500 -10.87 -12.38 -7.93
N LEU A 501 -9.54 -12.37 -8.09
CA LEU A 501 -8.81 -11.17 -8.34
C LEU A 501 -9.27 -10.65 -9.66
N ASP A 502 -9.64 -11.57 -10.57
CA ASP A 502 -10.09 -11.19 -11.87
C ASP A 502 -11.32 -10.34 -11.75
N ARG A 503 -12.30 -10.78 -10.94
CA ARG A 503 -13.54 -10.05 -10.83
C ARG A 503 -13.33 -8.75 -10.11
N THR A 504 -12.56 -8.75 -9.00
CA THR A 504 -12.38 -7.59 -8.18
C THR A 504 -11.68 -6.53 -8.96
N ASN A 505 -10.69 -6.94 -9.77
CA ASN A 505 -9.93 -5.97 -10.51
C ASN A 505 -10.87 -5.26 -11.41
N THR A 506 -11.84 -6.00 -11.98
CA THR A 506 -12.78 -5.43 -12.90
C THR A 506 -13.61 -4.42 -12.17
N ALA A 507 -14.07 -4.75 -10.95
CA ALA A 507 -14.90 -3.85 -10.21
C ALA A 507 -14.11 -2.60 -9.93
N GLN A 508 -12.83 -2.74 -9.54
CA GLN A 508 -12.04 -1.59 -9.20
C GLN A 508 -11.81 -0.70 -10.38
N PHE A 509 -11.53 -1.31 -11.55
CA PHE A 509 -11.24 -0.60 -12.77
C PHE A 509 -12.43 0.23 -13.16
N MET A 510 -13.62 -0.38 -13.17
CA MET A 510 -14.81 0.32 -13.62
C MET A 510 -15.13 1.46 -12.72
N VAL A 511 -15.00 1.26 -11.40
CA VAL A 511 -15.33 2.29 -10.45
C VAL A 511 -14.42 3.46 -10.67
N GLY A 512 -13.13 3.18 -10.92
CA GLY A 512 -12.17 4.23 -11.12
C GLY A 512 -12.53 5.05 -12.33
N LYS A 513 -13.06 4.41 -13.40
CA LYS A 513 -13.42 5.13 -14.59
C LYS A 513 -14.54 6.09 -14.30
N CYS A 514 -15.52 5.68 -13.47
CA CYS A 514 -16.64 6.53 -13.17
C CYS A 514 -16.16 7.76 -12.46
N ALA A 515 -15.23 7.60 -11.50
CA ALA A 515 -14.69 8.70 -10.74
C ALA A 515 -13.88 9.61 -11.64
N LEU A 516 -13.11 9.01 -12.56
CA LEU A 516 -12.21 9.75 -13.40
C LEU A 516 -13.00 10.75 -14.19
N ALA A 517 -14.21 10.39 -14.63
CA ALA A 517 -14.95 11.30 -15.47
C ALA A 517 -15.18 12.57 -14.71
N TYR A 518 -15.56 12.48 -13.43
CA TYR A 518 -15.85 13.64 -12.62
C TYR A 518 -14.61 14.45 -12.44
N GLN A 519 -13.45 13.80 -12.22
CA GLN A 519 -12.26 14.56 -12.05
C GLN A 519 -11.96 15.32 -13.32
N LEU A 520 -12.16 14.72 -14.50
CA LEU A 520 -11.96 15.43 -15.74
C LEU A 520 -12.94 16.57 -15.83
N TYR A 521 -14.19 16.40 -15.35
CA TYR A 521 -15.18 17.46 -15.41
C TYR A 521 -14.69 18.62 -14.62
N SER A 522 -14.17 18.33 -13.41
CA SER A 522 -13.82 19.35 -12.46
C SER A 522 -12.84 20.32 -13.06
N LEU A 523 -11.80 19.80 -13.73
CA LEU A 523 -10.77 20.56 -14.37
C LEU A 523 -11.33 21.28 -15.56
N GLY A 524 -12.40 20.73 -16.17
CA GLY A 524 -12.99 21.37 -17.32
C GLY A 524 -12.33 20.83 -18.54
N LEU A 525 -11.60 19.72 -18.37
CA LEU A 525 -10.90 19.07 -19.43
C LEU A 525 -11.91 18.52 -20.39
N ILE A 526 -13.03 18.01 -19.86
CA ILE A 526 -14.05 17.43 -20.70
C ILE A 526 -15.34 18.06 -20.33
N ASP A 527 -16.28 18.10 -21.29
CA ASP A 527 -17.57 18.60 -20.99
C ASP A 527 -18.23 17.45 -20.31
N LYS A 528 -19.56 17.48 -20.24
CA LYS A 528 -20.35 16.45 -19.63
C LYS A 528 -20.08 15.11 -20.30
N PRO A 529 -19.73 15.00 -21.57
CA PRO A 529 -19.57 13.69 -22.15
C PRO A 529 -18.48 12.76 -21.69
N ASN A 530 -18.61 11.47 -22.11
CA ASN A 530 -17.77 10.36 -21.73
C ASN A 530 -16.37 10.48 -22.26
N LEU A 531 -15.40 10.29 -21.35
CA LEU A 531 -13.98 10.31 -21.59
C LEU A 531 -13.53 9.12 -22.37
N GLN A 532 -14.23 7.98 -22.18
CA GLN A 532 -13.91 6.69 -22.72
C GLN A 532 -13.89 6.74 -24.22
N PHE A 533 -14.62 7.68 -24.83
CA PHE A 533 -14.67 7.71 -26.26
C PHE A 533 -13.28 7.83 -26.81
N ASP A 534 -12.40 8.63 -26.18
CA ASP A 534 -11.06 8.76 -26.69
C ASP A 534 -10.40 7.41 -26.65
N THR A 535 -10.19 6.83 -27.85
CA THR A 535 -9.70 5.49 -28.03
C THR A 535 -8.32 5.29 -27.48
N ASP A 536 -7.37 6.19 -27.81
CA ASP A 536 -6.02 5.97 -27.38
C ASP A 536 -5.97 6.02 -25.89
N ALA A 537 -6.69 6.96 -25.28
CA ALA A 537 -6.65 7.14 -23.86
C ALA A 537 -7.17 5.91 -23.17
N VAL A 538 -8.28 5.34 -23.67
CA VAL A 538 -8.86 4.20 -23.03
C VAL A 538 -7.89 3.07 -23.09
N ARG A 539 -7.17 2.93 -24.22
CA ARG A 539 -6.27 1.83 -24.35
C ARG A 539 -5.19 1.97 -23.31
N LEU A 540 -4.69 3.20 -23.10
CA LEU A 540 -3.64 3.40 -22.14
C LEU A 540 -4.15 3.01 -20.79
N PHE A 541 -5.39 3.43 -20.48
CA PHE A 541 -6.01 3.22 -19.20
C PHE A 541 -6.16 1.74 -18.96
N GLU A 542 -6.63 1.00 -19.98
CA GLU A 542 -6.90 -0.41 -19.86
C GLU A 542 -5.62 -1.13 -19.56
N GLU A 543 -4.54 -0.78 -20.28
CA GLU A 543 -3.27 -1.45 -20.14
C GLU A 543 -2.74 -1.23 -18.76
N LEU A 544 -2.93 -0.01 -18.22
CA LEU A 544 -2.38 0.30 -16.94
C LEU A 544 -3.00 -0.65 -15.94
N TYR A 545 -4.33 -0.82 -15.98
CA TYR A 545 -5.03 -1.67 -15.04
C TYR A 545 -4.70 -3.11 -15.24
N GLU A 546 -4.51 -3.55 -16.51
CA GLU A 546 -4.21 -4.92 -16.80
C GLU A 546 -2.90 -5.27 -16.17
N ASP A 547 -1.90 -4.37 -16.26
CA ASP A 547 -0.60 -4.64 -15.71
C ASP A 547 -0.73 -4.80 -14.22
N HIS A 548 -1.56 -3.95 -13.60
CA HIS A 548 -1.75 -3.95 -12.19
C HIS A 548 -2.21 -5.30 -11.73
N GLY A 549 -3.21 -5.89 -12.43
CA GLY A 549 -3.75 -7.15 -12.03
C GLY A 549 -2.66 -8.19 -12.10
N ASP A 550 -1.83 -8.14 -13.15
CA ASP A 550 -0.80 -9.13 -13.31
C ASP A 550 0.16 -9.04 -12.17
N THR A 551 0.55 -7.81 -11.79
CA THR A 551 1.52 -7.63 -10.76
C THR A 551 1.02 -8.15 -9.44
N LEU A 552 -0.25 -7.84 -9.10
CA LEU A 552 -0.89 -8.12 -7.85
C LEU A 552 -1.18 -9.58 -7.65
N SER A 553 -1.42 -10.35 -8.73
CA SER A 553 -1.85 -11.73 -8.68
C SER A 553 -0.81 -12.61 -8.04
N LEU A 554 0.28 -11.99 -7.58
CA LEU A 554 1.47 -12.54 -7.00
C LEU A 554 1.20 -13.32 -5.74
N GLN A 555 0.08 -13.06 -5.04
CA GLN A 555 -0.18 -13.74 -3.77
C GLN A 555 -0.32 -15.22 -3.92
N TYR A 556 -1.14 -15.73 -4.85
CA TYR A 556 -1.29 -17.16 -4.94
C TYR A 556 -1.60 -17.47 -6.37
N GLY A 557 -1.52 -18.76 -6.75
CA GLY A 557 -1.86 -19.07 -8.09
C GLY A 557 -2.84 -20.19 -8.04
N GLY A 558 -4.14 -19.86 -8.01
CA GLY A 558 -5.04 -20.96 -8.08
C GLY A 558 -6.21 -20.82 -7.18
N SER A 559 -7.09 -21.81 -7.35
CA SER A 559 -8.30 -22.03 -6.64
C SER A 559 -8.52 -23.48 -6.84
N GLN A 560 -9.78 -23.93 -6.92
CA GLN A 560 -10.00 -25.33 -7.12
C GLN A 560 -9.64 -25.67 -8.55
#